data_1H00
#
_entry.id   1H00
#
_cell.length_a   53.529
_cell.length_b   72.239
_cell.length_c   72.137
_cell.angle_alpha   90.00
_cell.angle_beta   90.00
_cell.angle_gamma   90.00
#
_symmetry.space_group_name_H-M   'P 21 21 21'
#
loop_
_entity.id
_entity.type
_entity.pdbx_description
1 polymer 'CELL DIVISION PROTEIN KINASE 2'
2 non-polymer (2S)-1-[4-({6-[(2,6-DIFLUOROPHENYL)AMINO]PYRIMIDIN-4-YL}AMINO)PHENOXY]-3-(DIMETHYLAMINO)PROPAN-2-OL
3 non-polymer (2R)-1-[4-({6-[(2,6-DIFLUOROPHENYL)AMINO]PYRIMIDIN-4-YL}AMINO)PHENOXY]-3-(DIMETHYLAMINO)PROPAN-2-OL
4 water water
#
_entity_poly.entity_id   1
_entity_poly.type   'polypeptide(L)'
_entity_poly.pdbx_seq_one_letter_code
;(ACE)MENFQKVEKIGEGTYGVVYKARNKLTGEVVALKKIRLDTETEGVPSTAIREISLLKELNHPNIVKLLDVIHTENK
LYLVFEFLHQDLKKFMDASALTGIPLPLIKSYLFQLLQGLAFCHSHRVLHRDLKPQNLLINTEGAIKLADFGLARAFGVP
VRTYTHEVVTLWYRAPEILLGCKYYSTAVDIWSLGCIFAEMVTRRALFPGDSEIDQLFRIFRTLGTPDEVVWPGVTSMPD
YKPSFPKWARQDFSKVVPPLDEDGRSLLSQMLHYDPNKRISAKAALAHPFFQDVTKPVPHLRL
;
_entity_poly.pdbx_strand_id   A
#
loop_
_chem_comp.id
_chem_comp.type
_chem_comp.name
_chem_comp.formula
ACE non-polymer 'ACETYL GROUP' 'C2 H4 O'
FAP non-polymer (2S)-1-[4-({6-[(2,6-DIFLUOROPHENYL)AMINO]PYRIMIDIN-4-YL}AMINO)PHENOXY]-3-(DIMETHYLAMINO)PROPAN-2-OL 'C21 H23 F2 N5 O2'
FCP non-polymer (2R)-1-[4-({6-[(2,6-DIFLUOROPHENYL)AMINO]PYRIMIDIN-4-YL}AMINO)PHENOXY]-3-(DIMETHYLAMINO)PROPAN-2-OL 'C21 H23 F2 N5 O2'
#
# COMPACT_ATOMS: atom_id res chain seq x y z
C ACE A 1 -26.49 -8.28 12.19
O ACE A 1 -25.67 -8.65 13.03
CH3 ACE A 1 -27.30 -9.29 11.40
N MET A 2 -26.76 -7.00 11.92
CA MET A 2 -26.05 -5.91 12.60
C MET A 2 -26.42 -5.74 14.06
N GLU A 3 -27.57 -6.25 14.47
CA GLU A 3 -28.00 -6.12 15.86
C GLU A 3 -26.99 -6.82 16.75
N ASN A 4 -26.14 -7.65 16.15
CA ASN A 4 -25.13 -8.40 16.89
C ASN A 4 -23.89 -7.56 17.18
N PHE A 5 -23.88 -6.32 16.72
CA PHE A 5 -22.74 -5.43 16.91
C PHE A 5 -23.11 -4.09 17.50
N GLN A 6 -22.25 -3.58 18.37
CA GLN A 6 -22.44 -2.28 19.00
C GLN A 6 -21.30 -1.36 18.57
N LYS A 7 -21.64 -0.31 17.83
CA LYS A 7 -20.61 0.62 17.37
C LYS A 7 -20.02 1.36 18.56
N VAL A 8 -18.71 1.57 18.51
CA VAL A 8 -18.02 2.27 19.58
C VAL A 8 -17.63 3.66 19.09
N GLU A 9 -17.07 3.73 17.88
CA GLU A 9 -16.65 5.00 17.30
C GLU A 9 -16.29 4.84 15.82
N LYS A 10 -16.26 5.97 15.11
CA LYS A 10 -15.93 5.96 13.69
C LYS A 10 -14.43 5.92 13.49
N ILE A 11 -13.94 4.84 12.88
CA ILE A 11 -12.52 4.67 12.62
C ILE A 11 -12.08 5.51 11.42
N GLY A 12 -12.98 5.68 10.46
CA GLY A 12 -12.66 6.44 9.27
C GLY A 12 -13.65 6.24 8.13
N GLU A 13 -13.22 6.56 6.92
CA GLU A 13 -14.05 6.41 5.74
C GLU A 13 -13.35 5.57 4.67
N TYR A 16 -14.86 3.52 0.20
CA TYR A 16 -15.55 2.25 0.03
C TYR A 16 -16.60 2.05 1.12
N GLY A 17 -16.80 3.07 1.94
CA GLY A 17 -17.77 2.98 3.01
C GLY A 17 -17.19 3.37 4.35
N VAL A 18 -18.06 3.66 5.32
CA VAL A 18 -17.63 4.05 6.65
C VAL A 18 -17.17 2.83 7.45
N VAL A 19 -16.20 3.05 8.35
CA VAL A 19 -15.68 1.98 9.18
C VAL A 19 -15.79 2.36 10.66
N TYR A 20 -16.31 1.43 11.45
CA TYR A 20 -16.48 1.68 12.88
C TYR A 20 -15.76 0.65 13.74
N LYS A 21 -15.38 1.06 14.93
CA LYS A 21 -14.79 0.12 15.88
C LYS A 21 -16.08 -0.37 16.52
N ALA A 22 -16.25 -1.69 16.62
CA ALA A 22 -17.46 -2.23 17.20
C ALA A 22 -17.13 -3.45 18.03
N ARG A 23 -18.09 -3.81 18.87
CA ARG A 23 -17.95 -4.93 19.77
C ARG A 23 -18.99 -6.04 19.41
N ASN A 24 -18.60 -7.31 19.35
CA ASN A 24 -19.60 -8.35 19.06
C ASN A 24 -20.39 -8.64 20.34
N LYS A 25 -21.65 -8.23 20.37
CA LYS A 25 -22.51 -8.41 21.54
C LYS A 25 -22.53 -9.82 22.11
N LEU A 26 -22.21 -10.81 21.28
CA LEU A 26 -22.21 -12.20 21.72
C LEU A 26 -20.85 -12.66 22.26
N THR A 27 -19.81 -12.51 21.43
CA THR A 27 -18.47 -12.93 21.82
C THR A 27 -17.69 -11.90 22.63
N GLY A 28 -18.09 -10.63 22.51
CA GLY A 28 -17.41 -9.57 23.23
C GLY A 28 -16.17 -9.16 22.47
N GLU A 29 -16.03 -9.71 21.28
CA GLU A 29 -14.88 -9.43 20.43
C GLU A 29 -14.95 -8.01 19.87
N VAL A 30 -13.82 -7.32 19.86
CA VAL A 30 -13.74 -5.96 19.34
C VAL A 30 -13.28 -6.10 17.90
N VAL A 31 -14.00 -5.47 16.98
CA VAL A 31 -13.67 -5.57 15.57
C VAL A 31 -13.80 -4.25 14.83
N ALA A 32 -13.43 -4.26 13.56
CA ALA A 32 -13.56 -3.09 12.70
C ALA A 32 -14.70 -3.47 11.77
N LEU A 33 -15.78 -2.70 11.83
CA LEU A 33 -16.96 -2.97 11.00
C LEU A 33 -17.03 -1.99 9.84
N LYS A 34 -16.98 -2.52 8.62
CA LYS A 34 -17.05 -1.69 7.43
C LYS A 34 -18.37 -1.85 6.70
N LYS A 35 -19.11 -0.76 6.57
CA LYS A 35 -20.38 -0.79 5.87
C LYS A 35 -20.15 -0.34 4.43
N ILE A 36 -20.34 -1.27 3.50
CA ILE A 36 -20.14 -0.97 2.08
C ILE A 36 -21.34 -0.23 1.52
N VAL A 45 -27.16 -5.56 -3.05
CA VAL A 45 -25.75 -5.87 -3.19
C VAL A 45 -25.53 -6.86 -4.34
N PRO A 46 -24.67 -6.50 -5.30
CA PRO A 46 -24.39 -7.36 -6.45
C PRO A 46 -23.86 -8.73 -6.05
N SER A 47 -24.09 -9.73 -6.89
CA SER A 47 -23.65 -11.09 -6.63
C SER A 47 -22.16 -11.33 -6.88
N THR A 48 -21.68 -10.90 -8.04
CA THR A 48 -20.27 -11.06 -8.39
C THR A 48 -19.41 -10.56 -7.22
N ALA A 49 -19.91 -9.54 -6.53
CA ALA A 49 -19.21 -8.97 -5.39
C ALA A 49 -19.19 -9.96 -4.24
N ILE A 50 -20.34 -10.56 -3.95
CA ILE A 50 -20.45 -11.53 -2.87
C ILE A 50 -19.46 -12.68 -3.05
N ARG A 51 -19.29 -13.12 -4.28
CA ARG A 51 -18.38 -14.22 -4.59
C ARG A 51 -16.93 -13.82 -4.38
N GLU A 52 -16.53 -12.68 -4.91
CA GLU A 52 -15.15 -12.20 -4.78
C GLU A 52 -14.82 -11.98 -3.31
N ILE A 53 -15.75 -11.39 -2.57
CA ILE A 53 -15.54 -11.13 -1.16
C ILE A 53 -15.38 -12.44 -0.40
N SER A 54 -16.19 -13.43 -0.76
CA SER A 54 -16.13 -14.74 -0.10
C SER A 54 -14.75 -15.38 -0.26
N LEU A 55 -14.11 -15.10 -1.38
CA LEU A 55 -12.78 -15.65 -1.66
C LEU A 55 -11.74 -15.02 -0.73
N LEU A 56 -11.88 -13.73 -0.47
CA LEU A 56 -10.94 -13.03 0.39
C LEU A 56 -10.94 -13.57 1.81
N LYS A 57 -12.07 -14.15 2.21
CA LYS A 57 -12.21 -14.71 3.55
C LYS A 57 -11.26 -15.88 3.76
N GLU A 58 -10.78 -16.46 2.67
CA GLU A 58 -9.86 -17.59 2.76
C GLU A 58 -8.41 -17.14 2.61
N LEU A 59 -8.21 -15.90 2.18
CA LEU A 59 -6.88 -15.34 1.98
C LEU A 59 -6.32 -14.91 3.33
N ASN A 60 -5.90 -15.88 4.13
CA ASN A 60 -5.36 -15.61 5.46
C ASN A 60 -3.84 -15.65 5.55
N HIS A 61 -3.27 -14.60 6.14
CA HIS A 61 -1.82 -14.48 6.28
C HIS A 61 -1.55 -13.53 7.46
N PRO A 62 -0.47 -13.78 8.22
CA PRO A 62 -0.14 -12.93 9.37
C PRO A 62 0.02 -11.44 9.08
N ASN A 63 0.30 -11.09 7.82
CA ASN A 63 0.47 -9.70 7.46
C ASN A 63 -0.68 -9.14 6.64
N ILE A 64 -1.82 -9.81 6.75
CA ILE A 64 -3.04 -9.39 6.07
C ILE A 64 -4.12 -9.29 7.13
N VAL A 65 -4.77 -8.14 7.24
CA VAL A 65 -5.83 -7.98 8.24
C VAL A 65 -6.90 -9.03 7.96
N LYS A 66 -7.16 -9.89 8.94
CA LYS A 66 -8.12 -10.96 8.77
C LYS A 66 -9.57 -10.52 8.59
N LEU A 67 -10.21 -11.04 7.54
CA LEU A 67 -11.61 -10.75 7.29
C LEU A 67 -12.33 -11.83 8.10
N LEU A 68 -12.94 -11.42 9.21
CA LEU A 68 -13.62 -12.36 10.09
C LEU A 68 -14.94 -12.89 9.51
N ASP A 69 -15.79 -11.97 9.06
CA ASP A 69 -17.08 -12.38 8.51
C ASP A 69 -17.62 -11.39 7.50
N VAL A 70 -18.47 -11.91 6.62
CA VAL A 70 -19.11 -11.12 5.58
C VAL A 70 -20.61 -11.23 5.85
N ILE A 71 -21.21 -10.13 6.28
CA ILE A 71 -22.63 -10.13 6.58
C ILE A 71 -23.44 -9.47 5.49
N HIS A 72 -24.21 -10.28 4.76
CA HIS A 72 -25.05 -9.78 3.70
C HIS A 72 -26.51 -9.94 4.10
N THR A 73 -27.06 -8.88 4.69
CA THR A 73 -28.44 -8.87 5.13
C THR A 73 -29.12 -7.59 4.65
N GLU A 74 -30.45 -7.58 4.69
CA GLU A 74 -31.23 -6.43 4.27
C GLU A 74 -30.67 -5.79 3.00
N ASN A 75 -30.20 -6.64 2.09
CA ASN A 75 -29.63 -6.17 0.83
C ASN A 75 -28.53 -5.13 1.04
N LYS A 76 -27.76 -5.31 2.11
CA LYS A 76 -26.65 -4.42 2.43
C LYS A 76 -25.45 -5.29 2.80
N LEU A 77 -24.25 -4.77 2.59
CA LEU A 77 -23.04 -5.56 2.88
C LEU A 77 -22.17 -4.98 3.99
N TYR A 78 -21.82 -5.84 4.95
CA TYR A 78 -20.97 -5.47 6.07
C TYR A 78 -19.78 -6.40 6.11
N LEU A 79 -18.59 -5.84 6.32
CA LEU A 79 -17.38 -6.63 6.40
C LEU A 79 -16.86 -6.47 7.81
N VAL A 80 -16.61 -7.59 8.48
CA VAL A 80 -16.11 -7.57 9.85
C VAL A 80 -14.65 -7.97 9.79
N PHE A 81 -13.78 -7.05 10.19
CA PHE A 81 -12.33 -7.29 10.19
C PHE A 81 -11.73 -7.35 11.58
N GLU A 82 -10.57 -7.99 11.68
CA GLU A 82 -9.85 -8.06 12.94
C GLU A 82 -9.49 -6.60 13.19
N PHE A 83 -9.48 -6.18 14.45
CA PHE A 83 -9.18 -4.79 14.80
C PHE A 83 -7.73 -4.52 15.19
N LEU A 84 -7.14 -3.46 14.64
CA LEU A 84 -5.80 -3.03 15.01
C LEU A 84 -5.95 -1.59 15.45
N HIS A 85 -5.18 -1.19 16.46
CA HIS A 85 -5.30 0.15 17.03
C HIS A 85 -4.75 1.35 16.28
N GLN A 86 -3.78 1.16 15.39
CA GLN A 86 -3.23 2.32 14.71
C GLN A 86 -2.82 2.02 13.28
N ASP A 87 -2.82 3.06 12.44
CA ASP A 87 -2.40 2.87 11.06
C ASP A 87 -1.05 3.54 10.88
N LEU A 88 -0.35 3.22 9.79
CA LEU A 88 0.98 3.77 9.55
C LEU A 88 1.00 5.29 9.38
N LYS A 89 -0.06 5.85 8.82
CA LYS A 89 -0.12 7.29 8.63
C LYS A 89 -0.02 8.00 9.96
N LYS A 90 -0.79 7.52 10.91
CA LYS A 90 -0.76 8.09 12.24
C LYS A 90 0.60 7.86 12.92
N PHE A 91 1.17 6.70 12.74
CA PHE A 91 2.46 6.44 13.36
C PHE A 91 3.53 7.34 12.74
N MET A 92 3.46 7.56 11.43
CA MET A 92 4.45 8.41 10.79
C MET A 92 4.33 9.85 11.27
N ASP A 93 3.10 10.34 11.41
CA ASP A 93 2.91 11.70 11.89
C ASP A 93 3.46 11.81 13.30
N ALA A 94 3.23 10.76 14.10
CA ALA A 94 3.70 10.73 15.48
C ALA A 94 5.22 10.60 15.57
N SER A 95 5.86 10.16 14.49
CA SER A 95 7.30 9.98 14.47
C SER A 95 7.98 11.00 13.55
N ALA A 96 7.24 12.02 13.14
CA ALA A 96 7.76 13.04 12.24
C ALA A 96 8.96 13.84 12.73
N LEU A 97 9.00 14.13 14.03
CA LEU A 97 10.09 14.93 14.58
C LEU A 97 11.41 14.16 14.68
N THR A 98 11.32 12.86 14.89
CA THR A 98 12.51 12.02 15.04
C THR A 98 12.70 11.01 13.90
N GLY A 99 11.61 10.64 13.25
CA GLY A 99 11.67 9.67 12.18
C GLY A 99 11.65 8.24 12.70
N ILE A 100 11.01 7.37 11.95
CA ILE A 100 10.93 5.96 12.32
C ILE A 100 12.33 5.37 12.20
N PRO A 101 12.81 4.66 13.25
CA PRO A 101 14.14 4.05 13.21
C PRO A 101 14.28 3.13 12.00
N LEU A 102 15.45 3.17 11.34
CA LEU A 102 15.68 2.34 10.17
C LEU A 102 15.36 0.86 10.37
N PRO A 103 15.74 0.28 11.53
CA PRO A 103 15.43 -1.14 11.73
C PRO A 103 13.94 -1.43 11.67
N LEU A 104 13.13 -0.50 12.17
CA LEU A 104 11.68 -0.67 12.16
C LEU A 104 11.15 -0.48 10.74
N ILE A 105 11.70 0.48 10.02
CA ILE A 105 11.28 0.72 8.64
C ILE A 105 11.53 -0.57 7.84
N LYS A 106 12.71 -1.13 8.03
CA LYS A 106 13.11 -2.35 7.34
C LYS A 106 12.20 -3.51 7.74
N SER A 107 11.88 -3.62 9.02
CA SER A 107 11.00 -4.70 9.47
C SER A 107 9.63 -4.56 8.83
N TYR A 108 9.09 -3.34 8.84
CA TYR A 108 7.77 -3.10 8.22
C TYR A 108 7.80 -3.40 6.73
N LEU A 109 8.83 -2.93 6.02
CA LEU A 109 8.92 -3.18 4.58
C LEU A 109 8.97 -4.70 4.30
N PHE A 110 9.79 -5.40 5.06
CA PHE A 110 9.96 -6.84 4.92
C PHE A 110 8.62 -7.56 5.12
N GLN A 111 7.91 -7.20 6.19
CA GLN A 111 6.62 -7.82 6.49
C GLN A 111 5.57 -7.55 5.41
N LEU A 112 5.56 -6.31 4.92
CA LEU A 112 4.59 -5.96 3.88
C LEU A 112 4.89 -6.73 2.60
N LEU A 113 6.18 -6.93 2.32
CA LEU A 113 6.57 -7.68 1.14
C LEU A 113 6.16 -9.15 1.29
N GLN A 114 6.21 -9.67 2.51
CA GLN A 114 5.77 -11.06 2.72
C GLN A 114 4.27 -11.14 2.45
N GLY A 115 3.54 -10.14 2.94
CA GLY A 115 2.10 -10.10 2.71
C GLY A 115 1.77 -10.01 1.23
N LEU A 116 2.49 -9.14 0.51
CA LEU A 116 2.24 -9.00 -0.91
C LEU A 116 2.62 -10.27 -1.67
N ALA A 117 3.73 -10.89 -1.29
CA ALA A 117 4.15 -12.12 -1.96
C ALA A 117 3.06 -13.17 -1.84
N PHE A 118 2.43 -13.24 -0.66
CA PHE A 118 1.35 -14.18 -0.44
C PHE A 118 0.16 -13.89 -1.35
N CYS A 119 -0.35 -12.66 -1.27
CA CYS A 119 -1.49 -12.26 -2.09
C CYS A 119 -1.24 -12.47 -3.58
N HIS A 120 -0.08 -12.01 -4.03
CA HIS A 120 0.28 -12.13 -5.43
C HIS A 120 0.40 -13.57 -5.89
N SER A 121 0.79 -14.48 -5.00
CA SER A 121 0.91 -15.89 -5.37
C SER A 121 -0.49 -16.46 -5.57
N HIS A 122 -1.48 -15.76 -5.05
CA HIS A 122 -2.89 -16.17 -5.21
C HIS A 122 -3.58 -15.30 -6.25
N ARG A 123 -2.78 -14.58 -7.03
CA ARG A 123 -3.28 -13.70 -8.07
C ARG A 123 -4.26 -12.64 -7.56
N VAL A 124 -4.04 -12.20 -6.33
CA VAL A 124 -4.88 -11.17 -5.72
C VAL A 124 -4.06 -9.90 -5.59
N LEU A 125 -4.57 -8.79 -6.09
CA LEU A 125 -3.86 -7.51 -6.02
C LEU A 125 -4.54 -6.62 -5.01
N HIS A 126 -3.80 -5.68 -4.42
CA HIS A 126 -4.41 -4.75 -3.48
C HIS A 126 -4.97 -3.59 -4.30
N ARG A 127 -4.12 -3.00 -5.14
CA ARG A 127 -4.46 -1.89 -6.03
C ARG A 127 -4.50 -0.49 -5.43
N ASP A 128 -4.61 -0.37 -4.11
CA ASP A 128 -4.66 0.95 -3.49
C ASP A 128 -3.93 1.05 -2.15
N LEU A 129 -2.68 0.60 -2.14
CA LEU A 129 -1.89 0.66 -0.92
C LEU A 129 -1.57 2.10 -0.57
N LYS A 130 -1.68 2.42 0.71
CA LYS A 130 -1.39 3.74 1.23
C LYS A 130 -1.18 3.63 2.74
N PRO A 131 -0.47 4.58 3.35
CA PRO A 131 -0.24 4.50 4.79
C PRO A 131 -1.49 4.28 5.62
N GLN A 132 -2.62 4.84 5.17
CA GLN A 132 -3.88 4.72 5.89
C GLN A 132 -4.41 3.29 5.95
N ASN A 133 -4.05 2.43 5.01
CA ASN A 133 -4.53 1.06 5.11
C ASN A 133 -3.46 0.04 5.49
N LEU A 134 -2.40 0.53 6.13
CA LEU A 134 -1.34 -0.34 6.63
C LEU A 134 -1.48 -0.19 8.14
N LEU A 135 -1.89 -1.26 8.80
CA LEU A 135 -2.14 -1.24 10.25
C LEU A 135 -1.06 -1.90 11.09
N ILE A 136 -0.77 -1.30 12.24
CA ILE A 136 0.29 -1.82 13.11
C ILE A 136 -0.22 -2.14 14.50
N ASN A 137 0.51 -3.02 15.20
CA ASN A 137 0.14 -3.37 16.56
C ASN A 137 1.36 -3.25 17.47
N THR A 138 1.14 -3.45 18.76
CA THR A 138 2.20 -3.33 19.76
C THR A 138 3.32 -4.37 19.64
N GLU A 139 3.05 -5.47 18.96
CA GLU A 139 4.02 -6.56 18.82
C GLU A 139 5.09 -6.31 17.74
N GLY A 140 4.91 -5.24 16.98
CA GLY A 140 5.87 -4.93 15.93
C GLY A 140 5.39 -5.44 14.58
N ALA A 141 4.15 -5.89 14.51
CA ALA A 141 3.62 -6.39 13.26
C ALA A 141 2.93 -5.28 12.46
N ILE A 142 2.90 -5.44 11.15
CA ILE A 142 2.22 -4.48 10.28
C ILE A 142 1.39 -5.33 9.31
N LYS A 143 0.18 -4.89 9.00
CA LYS A 143 -0.70 -5.66 8.14
C LYS A 143 -1.41 -4.86 7.05
N LEU A 144 -1.64 -5.53 5.93
CA LEU A 144 -2.32 -4.94 4.77
C LEU A 144 -3.84 -4.98 5.00
N ALA A 145 -4.51 -3.85 4.81
CA ALA A 145 -5.96 -3.79 5.00
C ALA A 145 -6.65 -3.28 3.72
N ASP A 146 -7.86 -3.81 3.52
N ASP A 146 -7.97 -3.40 3.70
CA ASP A 146 -8.70 -3.52 2.35
CA ASP A 146 -8.79 -2.83 2.62
C ASP A 146 -8.20 -4.25 1.09
C ASP A 146 -8.21 -3.07 1.22
N PHE A 147 -7.67 -5.47 1.27
N PHE A 147 -8.19 -4.36 0.92
CA PHE A 147 -7.11 -6.26 0.18
CA PHE A 147 -7.66 -5.11 -0.23
C PHE A 147 -7.99 -7.03 -0.83
C PHE A 147 -8.24 -5.25 -1.60
N GLY A 148 -8.00 -6.50 -2.05
CA GLY A 148 -8.62 -7.05 -3.25
C GLY A 148 -10.10 -6.70 -3.30
N LEU A 149 -10.49 -5.77 -2.43
CA LEU A 149 -11.87 -5.30 -2.39
C LEU A 149 -12.05 -4.34 -3.56
N ALA A 150 -10.92 -3.93 -4.15
CA ALA A 150 -10.93 -3.01 -5.29
C ALA A 150 -11.38 -3.78 -6.52
N ARG A 151 -11.25 -5.10 -6.46
CA ARG A 151 -11.67 -5.96 -7.55
C ARG A 151 -13.09 -6.46 -7.29
N ALA A 152 -13.42 -6.57 -6.00
CA ALA A 152 -14.75 -7.00 -5.58
C ALA A 152 -15.70 -5.80 -5.52
N GLU A 163 -14.54 11.67 0.54
CA GLU A 163 -13.40 12.57 0.45
C GLU A 163 -12.67 12.40 -0.89
N VAL A 164 -11.53 13.06 -1.03
CA VAL A 164 -10.74 12.97 -2.25
C VAL A 164 -9.78 11.79 -2.19
N VAL A 165 -9.87 10.91 -3.18
CA VAL A 165 -8.99 9.75 -3.23
C VAL A 165 -7.55 10.18 -3.52
N THR A 166 -6.62 9.68 -2.72
CA THR A 166 -5.21 10.03 -2.89
C THR A 166 -4.59 9.33 -4.10
N LEU A 167 -3.83 10.09 -4.87
CA LEU A 167 -3.16 9.55 -6.06
C LEU A 167 -1.68 9.35 -5.83
N TRP A 168 -1.21 9.77 -4.66
CA TRP A 168 0.21 9.72 -4.33
C TRP A 168 0.94 8.41 -4.52
N TYR A 169 0.23 7.30 -4.42
CA TYR A 169 0.86 5.99 -4.51
C TYR A 169 0.50 5.20 -5.75
N ARG A 170 -0.15 5.86 -6.70
CA ARG A 170 -0.58 5.21 -7.93
C ARG A 170 0.55 4.97 -8.92
N ALA A 171 0.66 3.75 -9.41
CA ALA A 171 1.70 3.38 -10.38
C ALA A 171 1.50 4.13 -11.70
N PRO A 172 2.60 4.43 -12.40
CA PRO A 172 2.48 5.16 -13.67
C PRO A 172 1.64 4.47 -14.75
N GLU A 173 1.67 3.14 -14.81
CA GLU A 173 0.89 2.44 -15.82
C GLU A 173 -0.61 2.65 -15.62
N ILE A 174 -1.02 2.87 -14.38
CA ILE A 174 -2.45 3.09 -14.11
C ILE A 174 -2.77 4.51 -14.59
N LEU A 175 -1.88 5.45 -14.27
CA LEU A 175 -2.06 6.84 -14.66
C LEU A 175 -2.03 7.02 -16.18
N LEU A 176 -1.33 6.13 -16.88
CA LEU A 176 -1.23 6.20 -18.33
C LEU A 176 -2.32 5.43 -19.07
N GLY A 177 -3.30 4.92 -18.31
CA GLY A 177 -4.41 4.23 -18.93
C GLY A 177 -4.36 2.72 -19.13
N CYS A 178 -3.37 2.05 -18.55
CA CYS A 178 -3.31 0.60 -18.70
C CYS A 178 -4.55 0.02 -17.99
N LYS A 179 -5.35 -0.73 -18.73
CA LYS A 179 -6.56 -1.30 -18.16
C LYS A 179 -6.32 -2.63 -17.43
N TYR A 180 -5.32 -3.38 -17.89
CA TYR A 180 -5.01 -4.68 -17.30
C TYR A 180 -3.65 -4.71 -16.62
N TYR A 181 -3.49 -3.88 -15.59
CA TYR A 181 -2.24 -3.82 -14.86
C TYR A 181 -2.03 -5.06 -14.00
N SER A 182 -0.81 -5.22 -13.50
CA SER A 182 -0.42 -6.38 -12.72
C SER A 182 -0.10 -6.15 -11.26
N THR A 183 0.41 -7.21 -10.64
CA THR A 183 0.82 -7.18 -9.24
C THR A 183 1.88 -6.10 -9.02
N ALA A 184 2.55 -5.71 -10.10
CA ALA A 184 3.58 -4.67 -10.04
C ALA A 184 3.05 -3.34 -9.49
N VAL A 185 1.75 -3.07 -9.64
CA VAL A 185 1.26 -1.80 -9.14
C VAL A 185 1.41 -1.69 -7.62
N ASP A 186 1.31 -2.82 -6.91
CA ASP A 186 1.44 -2.83 -5.46
C ASP A 186 2.88 -2.60 -5.04
N ILE A 187 3.83 -3.13 -5.81
CA ILE A 187 5.24 -2.94 -5.50
C ILE A 187 5.58 -1.45 -5.63
N TRP A 188 5.00 -0.80 -6.64
CA TRP A 188 5.24 0.64 -6.83
C TRP A 188 4.72 1.42 -5.63
N SER A 189 3.48 1.15 -5.23
CA SER A 189 2.90 1.84 -4.08
C SER A 189 3.76 1.62 -2.84
N LEU A 190 4.20 0.40 -2.62
CA LEU A 190 5.01 0.11 -1.44
C LEU A 190 6.35 0.85 -1.51
N GLY A 191 6.90 0.99 -2.72
CA GLY A 191 8.15 1.72 -2.87
C GLY A 191 7.97 3.17 -2.44
N CYS A 192 6.85 3.77 -2.84
CA CYS A 192 6.55 5.16 -2.48
C CYS A 192 6.41 5.31 -0.97
N ILE A 193 5.81 4.31 -0.32
CA ILE A 193 5.63 4.33 1.12
C ILE A 193 6.97 4.17 1.83
N PHE A 194 7.82 3.29 1.28
CA PHE A 194 9.16 3.05 1.80
C PHE A 194 9.92 4.40 1.82
N ALA A 195 9.93 5.10 0.68
CA ALA A 195 10.60 6.39 0.60
C ALA A 195 10.05 7.41 1.61
N GLU A 196 8.74 7.40 1.78
CA GLU A 196 8.08 8.32 2.71
C GLU A 196 8.48 8.06 4.16
N MET A 197 8.60 6.78 4.53
CA MET A 197 9.00 6.46 5.91
C MET A 197 10.41 6.98 6.15
N VAL A 198 11.27 6.82 5.15
CA VAL A 198 12.66 7.23 5.25
C VAL A 198 12.88 8.74 5.30
N THR A 199 12.22 9.48 4.41
CA THR A 199 12.41 10.92 4.35
C THR A 199 11.44 11.75 5.17
N ARG A 200 10.35 11.14 5.60
CA ARG A 200 9.32 11.81 6.39
C ARG A 200 8.54 12.84 5.56
N ARG A 201 8.43 12.58 4.28
CA ARG A 201 7.68 13.42 3.35
C ARG A 201 7.23 12.55 2.19
N ALA A 202 6.02 12.79 1.68
CA ALA A 202 5.52 12.01 0.56
C ALA A 202 6.45 12.16 -0.63
N LEU A 203 6.65 11.08 -1.38
CA LEU A 203 7.52 11.10 -2.54
C LEU A 203 6.91 11.86 -3.72
N PHE A 204 5.68 11.50 -4.09
CA PHE A 204 4.98 12.13 -5.21
C PHE A 204 3.59 12.59 -4.77
N PRO A 205 3.49 13.73 -4.06
CA PRO A 205 2.18 14.21 -3.62
C PRO A 205 1.38 14.99 -4.65
N GLY A 206 0.90 14.32 -5.69
CA GLY A 206 0.12 14.97 -6.72
C GLY A 206 -1.30 15.27 -6.26
N ASP A 207 -1.90 16.32 -6.83
CA ASP A 207 -3.27 16.66 -6.45
C ASP A 207 -4.22 16.60 -7.63
N SER A 208 -3.76 15.94 -8.70
CA SER A 208 -4.53 15.72 -9.92
C SER A 208 -3.78 14.62 -10.66
N GLU A 209 -4.44 13.95 -11.59
CA GLU A 209 -3.77 12.87 -12.30
C GLU A 209 -2.54 13.31 -13.09
N ILE A 210 -2.62 14.48 -13.73
CA ILE A 210 -1.49 14.94 -14.51
C ILE A 210 -0.38 15.49 -13.59
N ASP A 211 -0.76 16.07 -12.45
CA ASP A 211 0.25 16.59 -11.52
C ASP A 211 1.00 15.39 -10.95
N GLN A 212 0.27 14.30 -10.71
CA GLN A 212 0.87 13.08 -10.17
C GLN A 212 1.84 12.51 -11.19
N LEU A 213 1.39 12.39 -12.44
CA LEU A 213 2.24 11.87 -13.48
C LEU A 213 3.49 12.73 -13.68
N PHE A 214 3.30 14.05 -13.73
CA PHE A 214 4.44 14.94 -13.93
C PHE A 214 5.40 14.98 -12.75
N ARG A 215 4.91 14.79 -11.54
CA ARG A 215 5.80 14.76 -10.38
C ARG A 215 6.69 13.52 -10.50
N ILE A 216 6.11 12.42 -10.95
CA ILE A 216 6.89 11.20 -11.13
C ILE A 216 7.94 11.42 -12.21
N PHE A 217 7.53 12.03 -13.32
CA PHE A 217 8.45 12.29 -14.44
C PHE A 217 9.59 13.22 -14.03
N ARG A 218 9.28 14.22 -13.22
CA ARG A 218 10.29 15.18 -12.80
C ARG A 218 11.38 14.56 -11.92
N THR A 219 11.03 13.46 -11.25
CA THR A 219 11.98 12.78 -10.37
C THR A 219 12.69 11.61 -11.05
N LEU A 220 11.91 10.76 -11.71
CA LEU A 220 12.47 9.58 -12.36
C LEU A 220 12.78 9.77 -13.84
N GLY A 221 12.45 10.94 -14.37
CA GLY A 221 12.69 11.22 -15.78
C GLY A 221 11.48 10.84 -16.60
N THR A 222 11.18 11.59 -17.66
CA THR A 222 10.05 11.26 -18.50
C THR A 222 10.38 9.93 -19.18
N PRO A 223 9.50 8.92 -19.03
CA PRO A 223 9.76 7.63 -19.64
C PRO A 223 9.72 7.64 -21.16
N ASP A 224 10.54 6.79 -21.77
CA ASP A 224 10.59 6.67 -23.23
C ASP A 224 10.65 5.19 -23.59
N GLU A 225 10.75 4.91 -24.89
CA GLU A 225 10.80 3.53 -25.36
C GLU A 225 12.04 2.78 -24.89
N VAL A 226 13.11 3.52 -24.56
CA VAL A 226 14.34 2.88 -24.11
C VAL A 226 14.17 2.20 -22.75
N VAL A 227 13.66 2.93 -21.77
CA VAL A 227 13.47 2.39 -20.43
C VAL A 227 12.14 1.68 -20.25
N TRP A 228 11.16 1.99 -21.09
CA TRP A 228 9.85 1.37 -20.99
C TRP A 228 9.27 1.08 -22.37
N PRO A 229 9.62 -0.08 -22.96
CA PRO A 229 9.11 -0.44 -24.28
C PRO A 229 7.59 -0.46 -24.27
N GLY A 230 6.99 0.24 -25.22
CA GLY A 230 5.55 0.28 -25.31
C GLY A 230 4.88 1.46 -24.63
N VAL A 231 5.63 2.22 -23.85
CA VAL A 231 5.05 3.36 -23.15
C VAL A 231 4.41 4.43 -24.05
N THR A 232 4.99 4.68 -25.21
CA THR A 232 4.43 5.70 -26.10
C THR A 232 3.13 5.27 -26.77
N SER A 233 2.73 4.02 -26.56
CA SER A 233 1.48 3.53 -27.14
C SER A 233 0.39 3.36 -26.09
N MET A 234 0.67 3.79 -24.86
CA MET A 234 -0.30 3.69 -23.79
C MET A 234 -1.46 4.65 -24.07
N PRO A 235 -2.68 4.28 -23.66
CA PRO A 235 -3.90 5.07 -23.86
C PRO A 235 -3.81 6.57 -23.60
N ASP A 236 -3.25 6.94 -22.45
CA ASP A 236 -3.16 8.34 -22.09
C ASP A 236 -1.79 8.97 -22.28
N TYR A 237 -0.92 8.30 -23.01
CA TYR A 237 0.40 8.85 -23.26
C TYR A 237 0.25 9.93 -24.32
N LYS A 238 0.93 11.05 -24.13
CA LYS A 238 0.89 12.16 -25.09
C LYS A 238 2.32 12.52 -25.49
N PRO A 239 2.60 12.56 -26.81
CA PRO A 239 3.93 12.89 -27.30
C PRO A 239 4.35 14.27 -26.79
N SER A 240 3.34 15.08 -26.46
CA SER A 240 3.57 16.43 -25.97
C SER A 240 3.97 16.52 -24.49
N PHE A 241 4.12 15.37 -23.82
CA PHE A 241 4.54 15.38 -22.42
C PHE A 241 5.91 16.05 -22.37
N PRO A 242 6.15 16.89 -21.35
CA PRO A 242 7.47 17.53 -21.29
C PRO A 242 8.51 16.44 -21.03
N LYS A 243 9.74 16.67 -21.46
CA LYS A 243 10.80 15.69 -21.26
C LYS A 243 11.77 16.14 -20.16
N TRP A 244 11.61 15.57 -18.98
CA TRP A 244 12.46 15.89 -17.84
C TRP A 244 13.54 14.82 -17.67
N ALA A 245 14.70 15.22 -17.15
CA ALA A 245 15.79 14.29 -16.92
C ALA A 245 15.63 13.61 -15.57
N ARG A 246 16.16 12.40 -15.44
CA ARG A 246 16.07 11.64 -14.20
C ARG A 246 16.99 12.19 -13.12
N GLN A 247 16.56 12.08 -11.87
CA GLN A 247 17.36 12.54 -10.74
C GLN A 247 17.99 11.36 -10.01
N ASP A 248 19.10 11.61 -9.34
CA ASP A 248 19.80 10.56 -8.59
C ASP A 248 19.09 10.26 -7.28
N PHE A 249 18.98 8.98 -6.95
CA PHE A 249 18.32 8.57 -5.71
C PHE A 249 19.03 9.08 -4.47
N SER A 250 20.31 9.41 -4.61
CA SER A 250 21.09 9.92 -3.48
C SER A 250 20.45 11.23 -3.07
N LYS A 251 19.79 11.82 -4.02
CA LYS A 251 19.13 13.08 -3.79
C LYS A 251 17.67 12.90 -3.38
N VAL A 252 17.07 11.84 -3.87
CA VAL A 252 15.67 11.58 -3.57
C VAL A 252 15.39 11.06 -2.16
N VAL A 253 16.18 10.10 -1.69
N VAL A 253 16.19 10.09 -1.73
CA VAL A 253 15.91 9.54 -0.36
CA VAL A 253 16.06 9.50 -0.40
C VAL A 253 17.05 9.48 0.66
C VAL A 253 17.45 9.45 0.22
N PRO A 254 17.80 10.58 0.83
N PRO A 254 18.01 10.63 0.56
CA PRO A 254 18.86 10.45 1.83
CA PRO A 254 19.33 10.78 1.16
C PRO A 254 18.21 10.49 3.22
C PRO A 254 19.66 9.85 2.34
N PRO A 255 18.88 9.89 4.23
N PRO A 255 18.76 9.77 3.33
CA PRO A 255 20.16 9.21 4.10
CA PRO A 255 18.95 8.93 4.52
C PRO A 255 20.03 7.69 3.99
C PRO A 255 19.21 7.45 4.27
N LEU A 256 19.23 7.22 3.04
N LEU A 256 18.71 6.94 3.16
CA LEU A 256 19.06 5.78 2.85
CA LEU A 256 18.83 5.54 2.82
C LEU A 256 20.37 5.23 2.32
C LEU A 256 20.21 5.12 2.25
N ASP A 257 20.79 4.08 2.84
CA ASP A 257 22.06 3.50 2.38
C ASP A 257 21.90 2.90 0.99
N GLU A 258 23.02 2.53 0.37
CA GLU A 258 23.00 1.97 -0.99
C GLU A 258 22.17 0.72 -1.17
N ASP A 259 22.08 -0.13 -0.15
CA ASP A 259 21.25 -1.33 -0.28
C ASP A 259 19.79 -0.89 -0.40
N GLY A 260 19.39 0.03 0.48
CA GLY A 260 18.03 0.53 0.44
C GLY A 260 17.70 1.27 -0.85
N ARG A 261 18.63 2.11 -1.31
CA ARG A 261 18.39 2.85 -2.55
C ARG A 261 18.30 1.90 -3.74
N SER A 262 19.13 0.87 -3.74
CA SER A 262 19.12 -0.12 -4.82
C SER A 262 17.74 -0.79 -4.87
N LEU A 263 17.27 -1.23 -3.71
CA LEU A 263 15.97 -1.88 -3.64
C LEU A 263 14.86 -0.93 -4.07
N LEU A 264 14.88 0.30 -3.57
CA LEU A 264 13.86 1.28 -3.94
C LEU A 264 13.85 1.51 -5.44
N SER A 265 15.03 1.60 -6.05
CA SER A 265 15.12 1.83 -7.49
C SER A 265 14.45 0.69 -8.25
N GLN A 266 14.60 -0.53 -7.76
CA GLN A 266 13.98 -1.65 -8.44
C GLN A 266 12.47 -1.71 -8.22
N MET A 267 12.00 -1.14 -7.12
CA MET A 267 10.56 -1.12 -6.84
C MET A 267 9.90 0.00 -7.63
N LEU A 268 10.71 0.96 -8.08
CA LEU A 268 10.19 2.10 -8.83
C LEU A 268 10.53 2.06 -10.32
N HIS A 269 10.85 0.89 -10.85
CA HIS A 269 11.14 0.79 -12.27
C HIS A 269 9.88 1.14 -13.05
N TYR A 270 10.03 1.90 -14.12
CA TYR A 270 8.88 2.28 -14.94
C TYR A 270 8.17 1.09 -15.58
N ASP A 271 8.95 0.24 -16.25
CA ASP A 271 8.39 -0.93 -16.92
C ASP A 271 7.89 -1.93 -15.87
N PRO A 272 6.58 -2.19 -15.82
CA PRO A 272 6.02 -3.13 -14.83
C PRO A 272 6.69 -4.50 -14.88
N ASN A 273 7.17 -4.90 -16.05
CA ASN A 273 7.82 -6.19 -16.21
C ASN A 273 9.26 -6.21 -15.68
N LYS A 274 9.85 -5.04 -15.51
CA LYS A 274 11.20 -4.95 -14.98
C LYS A 274 11.15 -4.71 -13.47
N ARG A 275 10.03 -4.17 -13.00
CA ARG A 275 9.85 -3.88 -11.58
C ARG A 275 10.02 -5.16 -10.76
N ILE A 276 10.73 -5.07 -9.65
CA ILE A 276 10.99 -6.25 -8.83
C ILE A 276 9.70 -6.84 -8.24
N SER A 277 9.66 -8.16 -8.11
CA SER A 277 8.50 -8.82 -7.53
C SER A 277 8.66 -8.82 -6.01
N ALA A 278 7.58 -9.07 -5.29
CA ALA A 278 7.65 -9.09 -3.84
C ALA A 278 8.58 -10.23 -3.39
N LYS A 279 8.44 -11.38 -4.04
CA LYS A 279 9.27 -12.54 -3.72
C LYS A 279 10.76 -12.25 -3.89
N ALA A 280 11.12 -11.62 -5.01
CA ALA A 280 12.51 -11.31 -5.26
C ALA A 280 13.02 -10.23 -4.33
N ALA A 281 12.15 -9.29 -3.97
CA ALA A 281 12.55 -8.21 -3.08
C ALA A 281 12.93 -8.75 -1.71
N LEU A 282 12.26 -9.80 -1.26
CA LEU A 282 12.54 -10.40 0.03
C LEU A 282 13.96 -10.94 0.11
N ALA A 283 14.53 -11.30 -1.03
CA ALA A 283 15.89 -11.84 -1.07
C ALA A 283 16.95 -10.75 -1.28
N HIS A 284 16.51 -9.51 -1.41
CA HIS A 284 17.45 -8.41 -1.61
C HIS A 284 18.38 -8.22 -0.41
N PRO A 285 19.67 -7.91 -0.66
CA PRO A 285 20.68 -7.70 0.39
C PRO A 285 20.25 -6.76 1.52
N PHE A 286 19.34 -5.85 1.22
CA PHE A 286 18.84 -4.88 2.22
C PHE A 286 18.27 -5.58 3.45
N PHE A 287 17.75 -6.79 3.26
CA PHE A 287 17.15 -7.51 4.37
C PHE A 287 18.05 -8.53 5.05
N GLN A 288 19.34 -8.51 4.71
CA GLN A 288 20.28 -9.45 5.31
C GLN A 288 20.32 -9.34 6.84
N ASP A 289 20.11 -8.14 7.35
CA ASP A 289 20.15 -7.91 8.80
C ASP A 289 18.79 -7.47 9.36
N VAL A 290 17.71 -7.89 8.72
CA VAL A 290 16.39 -7.50 9.19
C VAL A 290 16.10 -8.12 10.56
N THR A 291 15.38 -7.37 11.39
CA THR A 291 14.99 -7.79 12.72
C THR A 291 13.56 -7.33 12.92
N LYS A 292 12.98 -7.63 14.07
CA LYS A 292 11.61 -7.23 14.35
C LYS A 292 11.53 -6.39 15.62
N PRO A 293 11.81 -5.07 15.52
CA PRO A 293 11.75 -4.21 16.69
C PRO A 293 10.31 -3.98 17.09
N VAL A 294 10.10 -3.52 18.31
CA VAL A 294 8.75 -3.22 18.77
C VAL A 294 8.63 -1.70 18.74
N PRO A 295 7.55 -1.19 18.14
CA PRO A 295 7.36 0.26 18.07
C PRO A 295 6.85 0.83 19.39
N HIS A 296 7.03 2.13 19.56
CA HIS A 296 6.54 2.80 20.76
C HIS A 296 5.18 3.38 20.37
N LEU A 297 4.11 2.68 20.74
CA LEU A 297 2.78 3.13 20.41
C LEU A 297 2.01 3.75 21.56
N ARG A 298 1.40 4.90 21.30
CA ARG A 298 0.60 5.61 22.28
C ARG A 298 -0.84 5.41 21.84
N LEU A 299 -1.55 4.53 22.54
CA LEU A 299 -2.94 4.23 22.22
C LEU A 299 -3.90 4.99 23.13
C22 FAP B . -8.30 1.83 14.02
C1 FAP B . -9.03 -3.28 11.02
C5 FAP B . -8.54 -1.14 11.67
C4 FAP B . -8.95 -0.65 10.39
C3 FAP B . -9.41 -1.63 9.45
C17 FAP B . -7.80 1.18 12.86
C18 FAP B . -7.10 1.96 11.87
C19 FAP B . -6.90 3.33 12.06
C20 FAP B . -7.39 3.98 13.22
N2 FAP B . -9.44 -2.93 9.79
N6 FAP B . -8.60 -2.44 11.97
N7 FAP B . -9.86 -1.30 8.10
N16 FAP B . -8.04 -0.26 12.72
C21 FAP B . -8.10 3.23 14.21
O23 FAP B . -7.14 5.35 13.29
C24 FAP B . -7.94 6.38 12.63
C11 FAP B . -9.39 1.95 5.27
C10 FAP B . -10.56 1.16 5.30
C9 FAP B . -10.69 0.09 6.23
C8 FAP B . -9.64 -0.18 7.16
C12 FAP B . -8.34 1.69 6.18
C13 FAP B . -8.45 0.63 7.12
F14 FAP B . -11.85 -0.64 6.23
F15 FAP B . -7.40 0.44 7.96
C25 FAP B . -7.45 7.80 12.99
C26 FAP B . -8.41 8.98 12.72
N27 FAP B . -7.84 10.37 12.80
C28 FAP B . -7.90 10.95 14.16
C29 FAP B . -8.49 11.30 11.81
O30 FAP B . -6.17 8.03 12.53
C22 FCP C . -8.30 1.83 14.02
C1 FCP C . -9.03 -3.28 11.02
C5 FCP C . -8.54 -1.14 11.67
C4 FCP C . -8.95 -0.65 10.39
C3 FCP C . -9.41 -1.63 9.45
C17 FCP C . -7.80 1.18 12.86
C18 FCP C . -7.10 1.96 11.87
C19 FCP C . -6.90 3.33 12.06
C20 FCP C . -7.39 3.98 13.22
N2 FCP C . -9.44 -2.93 9.79
N6 FCP C . -8.60 -2.44 11.97
N7 FCP C . -9.86 -1.30 8.10
N16 FCP C . -8.04 -0.26 12.72
C21 FCP C . -8.10 3.23 14.21
O23 FCP C . -7.14 5.35 13.29
C24 FCP C . -7.94 6.38 12.63
C11 FCP C . -11.24 1.98 5.60
C10 FCP C . -11.41 0.63 5.21
C9 FCP C . -10.94 -0.42 6.06
C8 FCP C . -10.30 -0.12 7.31
C12 FCP C . -10.61 2.30 6.82
C13 FCP C . -10.14 1.27 7.68
F14 FCP C . -11.13 -1.71 5.65
F15 FCP C . -9.54 1.66 8.84
C25 FCP C . -7.43 7.82 12.81
C26 FCP C . -7.03 8.27 14.25
N27 FCP C . -7.88 9.32 14.86
C28 FCP C . -7.52 10.71 14.43
C29 FCP C . -7.86 9.25 16.36
O30 FCP C . -6.37 8.08 11.89
#